data_5C3C
#
_entry.id   5C3C
#
_cell.length_a   171.913
_cell.length_b   171.913
_cell.length_c   53.565
_cell.angle_alpha   90.00
_cell.angle_beta   90.00
_cell.angle_gamma   120.00
#
_symmetry.space_group_name_H-M   'H 3'
#
loop_
_entity.id
_entity.type
_entity.pdbx_description
1 polymer 'CbbQ/NirQ/NorQ domain protein'
2 non-polymer "ADENOSINE-5'-DIPHOSPHATE"
#
_entity_poly.entity_id   1
_entity_poly.type   'polypeptide(L)'
_entity_poly.pdbx_seq_one_letter_code
;MGSSHHHHHHSQDPMTQNADQYRVRKEPYYRAVQDEIELYRAGYEARIPMMLKGPTGCGKSRFVEHMAWKLNRPLITIAC
NEDMTASDLVGRYLLDKDGTRWQDGPLTVAARIGAICYLDEIVEARQDTIVVIHPLTDHRRVLPLEKKGELVEAHPDFQI
VISYNPGYQSLMKDLKQSTKQRFGALDFDYPKPDIEAEIVSHEAGVDKDTAEKLVQIAQKARNLKGHGLDEGLSTRLLVY
AGKLIAKGVDARAACTMTLVNPITDDVDMRDALDTVVKTFF
;
_entity_poly.pdbx_strand_id   A,B
#
# COMPACT_ATOMS: atom_id res chain seq x y z
N ARG A 25 -2.40 25.82 -9.72
CA ARG A 25 -1.62 24.61 -9.45
C ARG A 25 -0.21 24.93 -8.98
N LYS A 26 0.18 24.32 -7.87
CA LYS A 26 1.52 24.42 -7.34
C LYS A 26 2.48 23.58 -8.19
N GLU A 27 3.71 24.05 -8.38
CA GLU A 27 4.67 23.29 -9.19
C GLU A 27 5.19 22.08 -8.45
N PRO A 28 5.07 20.89 -9.07
CA PRO A 28 5.64 19.66 -8.52
C PRO A 28 7.16 19.61 -8.68
N TYR A 29 7.86 19.24 -7.62
CA TYR A 29 9.31 19.19 -7.62
C TYR A 29 9.85 18.04 -8.46
N TYR A 30 10.38 18.35 -9.64
CA TYR A 30 11.02 17.33 -10.46
C TYR A 30 12.46 17.70 -10.80
N ARG A 31 13.38 16.82 -10.42
CA ARG A 31 14.80 17.00 -10.70
C ARG A 31 15.18 16.23 -11.97
N ALA A 32 15.62 16.97 -12.99
CA ALA A 32 15.97 16.37 -14.27
C ALA A 32 17.22 15.52 -14.18
N VAL A 33 17.12 14.27 -14.61
CA VAL A 33 18.26 13.37 -14.61
C VAL A 33 19.08 13.54 -15.89
N GLN A 34 18.38 13.66 -17.02
CA GLN A 34 19.04 13.97 -18.29
C GLN A 34 18.10 14.83 -19.14
N ASP A 35 18.12 14.63 -20.45
CA ASP A 35 17.41 15.48 -21.39
C ASP A 35 15.98 15.02 -21.65
N GLU A 36 15.27 14.60 -20.61
CA GLU A 36 13.96 14.01 -20.79
C GLU A 36 12.85 15.05 -20.92
N ILE A 37 13.11 16.28 -20.50
CA ILE A 37 12.07 17.30 -20.44
C ILE A 37 11.89 18.07 -21.76
N GLU A 38 12.98 18.31 -22.48
CA GLU A 38 12.87 18.93 -23.80
C GLU A 38 12.47 17.93 -24.87
N LEU A 39 12.86 16.67 -24.66
CA LEU A 39 12.40 15.61 -25.55
C LEU A 39 10.89 15.45 -25.46
N TYR A 40 10.34 15.63 -24.27
CA TYR A 40 8.89 15.54 -24.10
C TYR A 40 8.21 16.75 -24.72
N ARG A 41 8.77 17.93 -24.44
CA ARG A 41 8.24 19.19 -24.98
C ARG A 41 8.24 19.15 -26.51
N ALA A 42 9.34 18.68 -27.08
CA ALA A 42 9.46 18.52 -28.52
C ALA A 42 8.41 17.53 -29.03
N GLY A 43 8.32 16.39 -28.35
CA GLY A 43 7.37 15.36 -28.70
C GLY A 43 5.93 15.82 -28.57
N TYR A 44 5.65 16.63 -27.55
CA TYR A 44 4.28 17.09 -27.32
C TYR A 44 3.77 17.95 -28.46
N GLU A 45 4.48 19.04 -28.74
CA GLU A 45 4.09 19.96 -29.81
C GLU A 45 4.03 19.24 -31.16
N ALA A 46 4.72 18.11 -31.26
CA ALA A 46 4.82 17.38 -32.51
C ALA A 46 3.76 16.26 -32.68
N ARG A 47 2.59 16.45 -32.05
CA ARG A 47 1.40 15.58 -32.14
C ARG A 47 1.57 14.13 -31.59
N ILE A 48 2.81 13.68 -31.36
CA ILE A 48 3.04 12.28 -31.07
C ILE A 48 2.76 11.87 -29.62
N PRO A 49 2.09 10.72 -29.44
CA PRO A 49 1.78 10.12 -28.14
C PRO A 49 3.03 9.62 -27.41
N MET A 50 3.13 9.89 -26.11
CA MET A 50 4.34 9.59 -25.36
C MET A 50 4.19 8.41 -24.42
N MET A 51 5.25 7.63 -24.28
CA MET A 51 5.27 6.49 -23.37
C MET A 51 6.46 6.62 -22.41
N LEU A 52 6.18 6.47 -21.12
CA LEU A 52 7.23 6.55 -20.10
C LEU A 52 7.57 5.15 -19.59
N LYS A 53 8.84 4.79 -19.70
CA LYS A 53 9.28 3.44 -19.35
C LYS A 53 10.33 3.44 -18.25
N GLY A 54 10.07 2.68 -17.19
CA GLY A 54 11.00 2.58 -16.08
C GLY A 54 10.42 1.82 -14.89
N PRO A 55 11.27 1.53 -13.90
CA PRO A 55 10.86 0.83 -12.67
C PRO A 55 9.87 1.66 -11.84
N THR A 56 9.35 1.07 -10.77
CA THR A 56 8.41 1.78 -9.91
C THR A 56 9.12 2.87 -9.11
N GLY A 57 8.48 4.03 -9.03
CA GLY A 57 9.01 5.14 -8.24
C GLY A 57 10.31 5.70 -8.75
N CYS A 58 10.41 5.93 -10.06
CA CYS A 58 11.58 6.58 -10.63
C CYS A 58 11.21 7.97 -11.14
N GLY A 59 10.04 8.45 -10.70
CA GLY A 59 9.63 9.80 -11.01
C GLY A 59 8.85 9.98 -12.30
N LYS A 60 8.23 8.89 -12.77
CA LYS A 60 7.47 8.94 -14.02
C LYS A 60 6.19 9.76 -13.87
N SER A 61 5.40 9.47 -12.84
CA SER A 61 4.17 10.19 -12.61
C SER A 61 4.44 11.66 -12.33
N ARG A 62 5.45 11.92 -11.51
CA ARG A 62 5.83 13.28 -11.17
C ARG A 62 6.28 14.08 -12.40
N PHE A 63 7.01 13.41 -13.29
CA PHE A 63 7.45 14.04 -14.53
C PHE A 63 6.29 14.55 -15.37
N VAL A 64 5.21 13.77 -15.43
CA VAL A 64 4.03 14.18 -16.17
C VAL A 64 3.42 15.44 -15.58
N GLU A 65 3.29 15.46 -14.26
CA GLU A 65 2.68 16.58 -13.55
C GLU A 65 3.55 17.83 -13.66
N HIS A 66 4.85 17.62 -13.81
CA HIS A 66 5.78 18.72 -13.99
C HIS A 66 5.63 19.30 -15.39
N MET A 67 5.47 18.42 -16.37
CA MET A 67 5.29 18.85 -17.75
C MET A 67 3.89 19.41 -17.98
N ALA A 68 2.93 18.91 -17.22
CA ALA A 68 1.54 19.35 -17.35
C ALA A 68 1.40 20.80 -16.94
N TRP A 69 2.09 21.19 -15.87
CA TRP A 69 2.05 22.56 -15.39
C TRP A 69 2.97 23.47 -16.19
N LYS A 70 4.13 22.95 -16.59
CA LYS A 70 5.12 23.73 -17.32
C LYS A 70 4.62 24.10 -18.70
N LEU A 71 3.79 23.25 -19.27
CA LEU A 71 3.16 23.50 -20.55
C LEU A 71 1.80 24.17 -20.33
N ASN A 72 1.49 24.44 -19.06
CA ASN A 72 0.26 25.10 -18.66
C ASN A 72 -0.98 24.34 -19.17
N ARG A 73 -1.04 23.05 -18.87
CA ARG A 73 -2.12 22.20 -19.37
C ARG A 73 -2.78 21.39 -18.27
N PRO A 74 -4.10 21.26 -18.33
CA PRO A 74 -4.89 20.40 -17.44
C PRO A 74 -4.37 18.96 -17.44
N LEU A 75 -4.60 18.25 -16.34
CA LEU A 75 -4.06 16.90 -16.19
C LEU A 75 -5.09 15.92 -15.63
N ILE A 76 -5.30 14.82 -16.34
CA ILE A 76 -6.19 13.77 -15.87
C ILE A 76 -5.43 12.45 -15.74
N THR A 77 -5.37 11.92 -14.52
CA THR A 77 -4.63 10.69 -14.25
C THR A 77 -5.58 9.50 -14.21
N ILE A 78 -5.17 8.41 -14.85
CA ILE A 78 -5.95 7.17 -14.80
C ILE A 78 -5.10 6.02 -14.25
N ALA A 79 -5.54 5.47 -13.12
CA ALA A 79 -4.87 4.31 -12.56
C ALA A 79 -5.42 3.03 -13.19
N CYS A 80 -4.69 2.52 -14.19
CA CYS A 80 -5.13 1.35 -14.92
C CYS A 80 -4.98 0.07 -14.10
N ASN A 81 -5.89 -0.87 -14.32
CA ASN A 81 -5.90 -2.12 -13.59
C ASN A 81 -6.57 -3.24 -14.38
N GLU A 82 -6.43 -4.47 -13.90
CA GLU A 82 -6.90 -5.64 -14.63
C GLU A 82 -8.44 -5.75 -14.71
N ASP A 83 -9.15 -4.96 -13.92
CA ASP A 83 -10.61 -5.03 -13.93
C ASP A 83 -11.24 -3.82 -14.61
N MET A 84 -10.40 -2.87 -15.04
CA MET A 84 -10.90 -1.66 -15.71
C MET A 84 -11.45 -1.99 -17.09
N THR A 85 -12.66 -1.52 -17.38
CA THR A 85 -13.27 -1.75 -18.68
C THR A 85 -13.25 -0.50 -19.55
N ALA A 86 -13.67 -0.64 -20.80
CA ALA A 86 -13.66 0.45 -21.76
C ALA A 86 -14.65 1.54 -21.38
N SER A 87 -15.79 1.13 -20.82
CA SER A 87 -16.83 2.08 -20.44
C SER A 87 -16.43 2.85 -19.18
N ASP A 88 -15.46 2.31 -18.44
CA ASP A 88 -14.86 3.03 -17.33
C ASP A 88 -13.96 4.15 -17.87
N LEU A 89 -13.54 3.97 -19.12
CA LEU A 89 -12.60 4.88 -19.74
C LEU A 89 -13.31 5.96 -20.54
N VAL A 90 -14.27 5.55 -21.37
CA VAL A 90 -14.97 6.50 -22.24
C VAL A 90 -16.25 7.06 -21.62
N GLY A 91 -16.87 6.30 -20.73
CA GLY A 91 -18.09 6.75 -20.08
C GLY A 91 -19.27 5.80 -20.21
N ARG A 92 -20.32 6.07 -19.44
CA ARG A 92 -21.50 5.21 -19.43
C ARG A 92 -22.76 6.00 -19.80
N ASP A 104 -20.23 10.50 -18.67
CA ASP A 104 -19.03 10.38 -19.48
C ASP A 104 -17.83 9.97 -18.62
N GLY A 105 -16.74 9.59 -19.27
CA GLY A 105 -15.57 9.08 -18.57
C GLY A 105 -14.33 9.97 -18.71
N PRO A 106 -13.28 9.66 -17.94
CA PRO A 106 -12.03 10.44 -17.87
C PRO A 106 -11.38 10.68 -19.24
N LEU A 107 -11.23 9.62 -20.03
CA LEU A 107 -10.57 9.72 -21.33
C LEU A 107 -11.31 10.68 -22.26
N THR A 108 -12.63 10.61 -22.25
CA THR A 108 -13.44 11.47 -23.10
C THR A 108 -13.36 12.93 -22.65
N VAL A 109 -13.44 13.15 -21.35
CA VAL A 109 -13.31 14.49 -20.78
C VAL A 109 -11.95 15.07 -21.15
N ALA A 110 -10.92 14.24 -21.03
CA ALA A 110 -9.56 14.63 -21.38
C ALA A 110 -9.44 14.97 -22.86
N ALA A 111 -10.33 14.39 -23.68
CA ALA A 111 -10.31 14.62 -25.11
C ALA A 111 -11.01 15.91 -25.49
N ARG A 112 -12.14 16.18 -24.83
CA ARG A 112 -12.93 17.38 -25.13
C ARG A 112 -12.20 18.65 -24.69
N ILE A 113 -11.85 18.73 -23.40
CA ILE A 113 -11.04 19.84 -22.92
C ILE A 113 -9.57 19.50 -23.18
N GLY A 114 -8.76 20.53 -23.43
CA GLY A 114 -7.35 20.31 -23.74
C GLY A 114 -6.55 19.85 -22.54
N ALA A 115 -6.52 18.54 -22.32
CA ALA A 115 -5.84 17.99 -21.15
C ALA A 115 -4.84 16.90 -21.51
N ILE A 116 -3.92 16.62 -20.58
CA ILE A 116 -2.98 15.52 -20.75
C ILE A 116 -3.50 14.29 -20.02
N CYS A 117 -3.86 13.25 -20.78
CA CYS A 117 -4.41 12.04 -20.20
C CYS A 117 -3.30 11.04 -19.88
N TYR A 118 -3.03 10.85 -18.59
CA TYR A 118 -1.96 10.00 -18.13
C TYR A 118 -2.46 8.64 -17.67
N LEU A 119 -2.24 7.61 -18.50
CA LEU A 119 -2.66 6.27 -18.18
C LEU A 119 -1.55 5.54 -17.43
N ASP A 120 -1.57 5.66 -16.11
CA ASP A 120 -0.54 5.06 -15.26
C ASP A 120 -0.76 3.55 -15.18
N GLU A 121 0.35 2.80 -15.14
CA GLU A 121 0.32 1.34 -15.05
C GLU A 121 -0.47 0.72 -16.19
N ILE A 122 -0.04 1.00 -17.42
CA ILE A 122 -0.78 0.54 -18.60
C ILE A 122 -0.71 -0.99 -18.76
N VAL A 123 0.33 -1.60 -18.20
CA VAL A 123 0.51 -3.04 -18.30
C VAL A 123 -0.56 -3.80 -17.51
N GLU A 124 -1.04 -3.19 -16.42
CA GLU A 124 -1.99 -3.84 -15.53
C GLU A 124 -3.35 -4.01 -16.19
N ALA A 125 -3.74 -3.04 -17.01
CA ALA A 125 -5.05 -3.06 -17.63
C ALA A 125 -5.20 -4.16 -18.65
N ARG A 126 -6.43 -4.64 -18.81
CA ARG A 126 -6.79 -5.56 -19.90
C ARG A 126 -6.39 -4.94 -21.23
N GLN A 127 -5.62 -5.66 -22.03
CA GLN A 127 -5.09 -5.04 -23.23
C GLN A 127 -6.10 -4.82 -24.34
N ASP A 128 -7.30 -5.35 -24.17
CA ASP A 128 -8.35 -5.14 -25.14
C ASP A 128 -9.19 -3.91 -24.80
N THR A 129 -8.98 -3.36 -23.61
CA THR A 129 -9.71 -2.16 -23.19
C THR A 129 -8.94 -0.91 -23.56
N ILE A 130 -7.71 -1.11 -24.03
CA ILE A 130 -6.78 -0.03 -24.29
C ILE A 130 -6.77 0.31 -25.78
N VAL A 131 -7.21 -0.63 -26.62
CA VAL A 131 -7.38 -0.36 -28.05
C VAL A 131 -8.43 0.73 -28.26
N VAL A 132 -9.18 1.02 -27.20
CA VAL A 132 -10.13 2.12 -27.18
C VAL A 132 -9.45 3.47 -27.43
N ILE A 133 -8.20 3.60 -26.99
CA ILE A 133 -7.48 4.86 -27.13
C ILE A 133 -6.83 5.00 -28.51
N HIS A 134 -6.82 3.91 -29.28
CA HIS A 134 -6.22 3.90 -30.61
C HIS A 134 -6.75 4.99 -31.57
N PRO A 135 -8.07 5.25 -31.57
CA PRO A 135 -8.53 6.36 -32.41
C PRO A 135 -8.03 7.74 -31.96
N LEU A 136 -7.33 7.80 -30.83
CA LEU A 136 -6.81 9.07 -30.32
C LEU A 136 -5.30 9.19 -30.50
N THR A 137 -4.65 8.11 -30.95
CA THR A 137 -3.19 8.06 -30.95
C THR A 137 -2.54 8.22 -32.33
N ASP A 138 -3.29 7.96 -33.40
CA ASP A 138 -2.75 8.16 -34.74
C ASP A 138 -3.17 9.51 -35.31
N HIS A 139 -3.33 9.59 -36.63
CA HIS A 139 -3.68 10.86 -37.27
C HIS A 139 -5.16 11.18 -37.12
N ARG A 140 -6.01 10.15 -37.19
CA ARG A 140 -7.39 10.33 -36.78
C ARG A 140 -7.34 10.64 -35.29
N ARG A 141 -8.01 11.70 -34.87
CA ARG A 141 -8.03 12.00 -33.45
C ARG A 141 -9.46 12.26 -33.01
N VAL A 142 -10.16 11.17 -32.72
CA VAL A 142 -11.55 11.20 -32.31
C VAL A 142 -11.81 10.06 -31.35
N LEU A 143 -12.95 10.08 -30.69
CA LEU A 143 -13.34 8.98 -29.82
C LEU A 143 -14.80 8.61 -30.07
N PRO A 144 -15.01 7.47 -30.74
CA PRO A 144 -16.38 7.03 -31.06
C PRO A 144 -17.12 6.49 -29.84
N LEU A 145 -18.06 7.28 -29.32
CA LEU A 145 -18.94 6.80 -28.26
C LEU A 145 -20.19 6.20 -28.88
N GLU A 146 -20.04 5.05 -29.51
CA GLU A 146 -21.12 4.42 -30.27
C GLU A 146 -22.31 3.99 -29.40
N LYS A 147 -22.13 4.07 -28.09
CA LYS A 147 -23.23 3.85 -27.16
C LYS A 147 -24.08 5.10 -27.07
N LYS A 148 -23.49 6.24 -27.42
CA LYS A 148 -24.18 7.51 -27.36
C LYS A 148 -24.53 8.04 -28.74
N GLY A 149 -23.84 7.53 -29.76
CA GLY A 149 -24.02 8.02 -31.12
C GLY A 149 -23.41 9.39 -31.28
N GLU A 150 -22.15 9.52 -30.87
CA GLU A 150 -21.44 10.79 -30.93
C GLU A 150 -19.96 10.59 -31.25
N LEU A 151 -19.44 11.39 -32.16
CA LEU A 151 -18.01 11.38 -32.48
C LEU A 151 -17.37 12.67 -32.01
N VAL A 152 -16.61 12.60 -30.92
CA VAL A 152 -16.08 13.80 -30.28
C VAL A 152 -14.87 14.38 -31.00
N GLU A 153 -14.70 15.69 -30.87
CA GLU A 153 -13.51 16.37 -31.38
C GLU A 153 -12.36 16.13 -30.41
N ALA A 154 -11.15 16.03 -30.95
CA ALA A 154 -9.97 16.03 -30.10
C ALA A 154 -9.44 17.45 -30.02
N HIS A 155 -9.64 18.08 -28.87
CA HIS A 155 -9.08 19.38 -28.56
C HIS A 155 -7.63 19.42 -29.00
N PRO A 156 -7.29 20.31 -29.95
CA PRO A 156 -5.96 20.39 -30.56
C PRO A 156 -4.81 20.31 -29.55
N ASP A 157 -5.08 20.67 -28.30
CA ASP A 157 -4.11 20.53 -27.22
C ASP A 157 -4.39 19.30 -26.38
N PHE A 158 -4.51 18.15 -27.03
CA PHE A 158 -4.73 16.88 -26.32
C PHE A 158 -3.63 15.88 -26.65
N GLN A 159 -3.16 15.17 -25.63
CA GLN A 159 -2.12 14.17 -25.82
C GLN A 159 -2.26 13.06 -24.79
N ILE A 160 -2.00 11.83 -25.21
CA ILE A 160 -2.00 10.70 -24.30
C ILE A 160 -0.58 10.29 -23.92
N VAL A 161 -0.33 10.24 -22.62
CA VAL A 161 0.94 9.73 -22.11
C VAL A 161 0.65 8.52 -21.23
N ILE A 162 1.51 7.50 -21.31
CA ILE A 162 1.29 6.27 -20.57
C ILE A 162 2.51 5.84 -19.78
N SER A 163 2.28 5.08 -18.71
CA SER A 163 3.36 4.56 -17.88
C SER A 163 3.56 3.08 -18.13
N TYR A 164 4.81 2.68 -18.36
CA TYR A 164 5.12 1.31 -18.76
C TYR A 164 6.27 0.73 -17.94
N ASN A 165 5.98 -0.33 -17.20
CA ASN A 165 6.98 -1.00 -16.37
C ASN A 165 7.01 -2.51 -16.61
N PRO A 166 8.14 -3.03 -17.07
CA PRO A 166 9.35 -2.28 -17.39
C PRO A 166 9.55 -2.07 -18.89
N ASP A 174 2.23 -7.69 -21.23
CA ASP A 174 2.88 -6.85 -22.23
C ASP A 174 1.83 -6.17 -23.12
N LEU A 175 2.26 -5.12 -23.81
CA LEU A 175 1.37 -4.33 -24.68
C LEU A 175 1.30 -4.97 -26.07
N LYS A 176 0.32 -4.57 -26.88
CA LYS A 176 0.27 -5.03 -28.28
C LYS A 176 1.19 -4.18 -29.16
N GLN A 177 1.71 -4.77 -30.23
CA GLN A 177 2.57 -4.04 -31.17
C GLN A 177 1.78 -2.93 -31.86
N SER A 178 0.48 -3.14 -32.01
CA SER A 178 -0.40 -2.13 -32.59
C SER A 178 -0.68 -1.01 -31.60
N THR A 179 -0.22 -1.20 -30.36
CA THR A 179 -0.37 -0.19 -29.32
C THR A 179 0.98 0.45 -29.00
N LYS A 180 2.01 -0.39 -28.92
CA LYS A 180 3.38 0.07 -28.69
C LYS A 180 3.87 1.02 -29.76
N GLN A 181 3.70 0.63 -31.01
CA GLN A 181 4.29 1.35 -32.13
C GLN A 181 3.44 2.52 -32.59
N ARG A 182 2.62 3.04 -31.68
CA ARG A 182 1.90 4.28 -31.92
C ARG A 182 2.40 5.35 -30.95
N PHE A 183 3.41 5.00 -30.18
CA PHE A 183 3.94 5.86 -29.12
C PHE A 183 5.42 6.15 -29.29
N GLY A 184 5.83 7.36 -28.88
CA GLY A 184 7.22 7.65 -28.66
C GLY A 184 7.54 7.26 -27.23
N ALA A 185 8.79 6.89 -26.95
CA ALA A 185 9.12 6.36 -25.64
C ALA A 185 10.33 7.03 -24.99
N LEU A 186 10.17 7.40 -23.72
CA LEU A 186 11.28 7.88 -22.91
C LEU A 186 11.73 6.80 -21.94
N ASP A 187 13.03 6.61 -21.82
CA ASP A 187 13.58 5.57 -20.96
C ASP A 187 13.99 6.12 -19.60
N PHE A 188 13.10 6.01 -18.63
CA PHE A 188 13.37 6.46 -17.26
C PHE A 188 14.05 5.36 -16.44
N ASP A 189 14.80 5.78 -15.42
CA ASP A 189 15.48 4.86 -14.52
C ASP A 189 15.83 5.61 -13.24
N TYR A 190 16.15 4.88 -12.18
CA TYR A 190 16.57 5.51 -10.93
C TYR A 190 17.82 6.35 -11.18
N PRO A 191 17.76 7.64 -10.85
CA PRO A 191 18.82 8.61 -11.15
C PRO A 191 20.18 8.25 -10.55
N LYS A 192 21.21 8.94 -11.03
CA LYS A 192 22.57 8.82 -10.52
C LYS A 192 22.57 9.07 -9.01
N PRO A 193 23.40 8.31 -8.25
CA PRO A 193 23.49 8.40 -6.79
C PRO A 193 23.53 9.81 -6.22
N ASP A 194 24.33 10.70 -6.82
CA ASP A 194 24.39 12.09 -6.38
C ASP A 194 23.02 12.74 -6.48
N ILE A 195 22.36 12.52 -7.62
CA ILE A 195 21.09 13.16 -7.92
C ILE A 195 19.96 12.67 -7.03
N GLU A 196 19.88 11.36 -6.82
CA GLU A 196 18.85 10.78 -5.98
C GLU A 196 19.00 11.25 -4.54
N ALA A 197 20.24 11.44 -4.10
CA ALA A 197 20.51 11.95 -2.77
C ALA A 197 19.97 13.36 -2.60
N GLU A 198 20.03 14.14 -3.68
CA GLU A 198 19.48 15.50 -3.68
C GLU A 198 17.96 15.47 -3.61
N ILE A 199 17.36 14.49 -4.27
CA ILE A 199 15.92 14.33 -4.29
C ILE A 199 15.37 13.92 -2.92
N VAL A 200 16.07 12.99 -2.27
CA VAL A 200 15.66 12.52 -0.95
C VAL A 200 15.74 13.63 0.09
N SER A 201 16.85 14.37 0.09
CA SER A 201 17.05 15.47 1.02
C SER A 201 15.98 16.56 0.85
N HIS A 202 15.57 16.78 -0.40
CA HIS A 202 14.61 17.83 -0.70
C HIS A 202 13.20 17.43 -0.27
N GLU A 203 12.84 16.17 -0.48
CA GLU A 203 11.49 15.70 -0.21
C GLU A 203 11.30 15.21 1.22
N ALA A 204 12.25 14.44 1.73
CA ALA A 204 12.15 13.90 3.08
C ALA A 204 12.46 14.96 4.13
N GLY A 205 13.45 15.79 3.84
CA GLY A 205 13.84 16.85 4.75
C GLY A 205 14.97 16.48 5.68
N VAL A 206 16.00 15.85 5.13
CA VAL A 206 17.17 15.44 5.91
C VAL A 206 18.45 15.96 5.29
N ASP A 207 19.50 16.05 6.09
CA ASP A 207 20.80 16.49 5.61
C ASP A 207 21.35 15.51 4.57
N LYS A 208 22.36 15.96 3.82
CA LYS A 208 22.91 15.15 2.73
C LYS A 208 23.43 13.81 3.22
N ASP A 209 24.25 13.83 4.26
CA ASP A 209 24.92 12.63 4.76
C ASP A 209 23.97 11.46 5.02
N THR A 210 22.76 11.75 5.50
CA THR A 210 21.77 10.72 5.72
C THR A 210 21.19 10.24 4.38
N ALA A 211 20.92 11.17 3.49
CA ALA A 211 20.33 10.86 2.19
C ALA A 211 21.27 10.01 1.33
N GLU A 212 22.56 10.29 1.38
CA GLU A 212 23.54 9.51 0.64
C GLU A 212 23.54 8.06 1.11
N LYS A 213 23.41 7.87 2.42
CA LYS A 213 23.38 6.55 3.02
C LYS A 213 22.16 5.77 2.56
N LEU A 214 21.01 6.45 2.51
CA LEU A 214 19.79 5.83 2.04
C LEU A 214 19.92 5.39 0.59
N VAL A 215 20.61 6.20 -0.21
CA VAL A 215 20.83 5.89 -1.61
C VAL A 215 21.79 4.71 -1.77
N GLN A 216 22.89 4.75 -1.02
CA GLN A 216 23.89 3.69 -1.08
C GLN A 216 23.31 2.35 -0.61
N ILE A 217 22.44 2.39 0.37
CA ILE A 217 21.73 1.19 0.81
C ILE A 217 20.81 0.70 -0.29
N ALA A 218 20.02 1.62 -0.85
CA ALA A 218 19.08 1.29 -1.92
C ALA A 218 19.80 0.76 -3.14
N GLN A 219 20.89 1.41 -3.51
CA GLN A 219 21.67 1.04 -4.70
C GLN A 219 22.06 -0.44 -4.68
N LYS A 220 22.53 -0.92 -3.53
CA LYS A 220 22.93 -2.31 -3.41
C LYS A 220 21.72 -3.21 -3.14
N ALA A 221 20.63 -2.59 -2.70
CA ALA A 221 19.40 -3.33 -2.41
C ALA A 221 18.75 -3.85 -3.69
N ARG A 222 18.71 -3.01 -4.71
CA ARG A 222 18.27 -3.47 -6.03
C ARG A 222 19.35 -4.39 -6.61
N ASN A 223 19.38 -5.62 -6.10
CA ASN A 223 20.47 -6.59 -6.24
C ASN A 223 21.75 -6.07 -6.91
N GLY A 232 11.87 -3.52 -8.72
CA GLY A 232 12.82 -2.53 -8.24
C GLY A 232 12.39 -1.90 -6.93
N LEU A 233 13.24 -1.02 -6.41
CA LEU A 233 12.94 -0.35 -5.14
C LEU A 233 12.66 1.13 -5.37
N SER A 234 11.43 1.54 -5.05
CA SER A 234 10.96 2.90 -5.30
C SER A 234 11.79 3.95 -4.56
N THR A 235 12.02 5.08 -5.22
CA THR A 235 12.68 6.21 -4.59
C THR A 235 11.82 6.75 -3.44
N ARG A 236 10.51 6.58 -3.56
CA ARG A 236 9.58 7.02 -2.53
C ARG A 236 9.84 6.35 -1.18
N LEU A 237 10.30 5.10 -1.22
CA LEU A 237 10.63 4.39 0.00
C LEU A 237 11.83 5.04 0.71
N LEU A 238 12.74 5.62 -0.07
CA LEU A 238 13.87 6.33 0.50
C LEU A 238 13.42 7.65 1.13
N VAL A 239 12.44 8.29 0.49
CA VAL A 239 11.84 9.51 1.02
C VAL A 239 11.14 9.22 2.34
N TYR A 240 10.45 8.08 2.41
CA TYR A 240 9.79 7.65 3.64
C TYR A 240 10.81 7.44 4.76
N ALA A 241 11.89 6.73 4.43
CA ALA A 241 12.92 6.39 5.41
C ALA A 241 13.53 7.65 6.03
N GLY A 242 13.93 8.59 5.18
CA GLY A 242 14.51 9.84 5.64
C GLY A 242 13.51 10.65 6.44
N LYS A 243 12.26 10.66 6.00
CA LYS A 243 11.22 11.42 6.67
C LYS A 243 10.96 10.88 8.09
N LEU A 244 11.16 9.58 8.26
CA LEU A 244 11.05 8.96 9.58
C LEU A 244 12.23 9.36 10.46
N ILE A 245 13.40 9.43 9.85
CA ILE A 245 14.62 9.85 10.56
C ILE A 245 14.47 11.31 11.00
N ALA A 246 13.69 12.06 10.23
CA ALA A 246 13.38 13.45 10.58
C ALA A 246 12.34 13.52 11.69
N LYS A 247 12.04 12.37 12.31
CA LYS A 247 11.08 12.32 13.41
C LYS A 247 11.70 11.64 14.64
N GLY A 248 13.03 11.59 14.66
CA GLY A 248 13.74 11.02 15.79
C GLY A 248 13.64 9.49 15.87
N VAL A 249 13.53 8.85 14.71
CA VAL A 249 13.46 7.40 14.65
C VAL A 249 14.84 6.81 14.38
N ASP A 250 15.17 5.73 15.09
CA ASP A 250 16.40 4.99 14.87
C ASP A 250 16.62 4.73 13.38
N ALA A 251 17.83 5.03 12.91
CA ALA A 251 18.14 4.98 11.48
C ALA A 251 17.84 3.62 10.86
N ARG A 252 18.21 2.54 11.56
CA ARG A 252 18.01 1.19 11.03
C ARG A 252 16.53 0.82 11.07
N ALA A 253 15.86 1.25 12.14
CA ALA A 253 14.43 1.01 12.28
C ALA A 253 13.66 1.74 11.18
N ALA A 254 14.11 2.94 10.85
CA ALA A 254 13.50 3.73 9.79
C ALA A 254 13.66 3.02 8.44
N CYS A 255 14.81 2.39 8.24
CA CYS A 255 15.07 1.65 7.02
C CYS A 255 14.33 0.31 7.03
N THR A 256 14.20 -0.28 8.21
CA THR A 256 13.51 -1.56 8.34
C THR A 256 12.04 -1.42 7.96
N MET A 257 11.45 -0.27 8.34
CA MET A 257 10.04 -0.01 8.06
C MET A 257 9.77 0.26 6.57
N THR A 258 10.79 0.67 5.84
CA THR A 258 10.59 1.16 4.48
C THR A 258 11.39 0.43 3.41
N LEU A 259 12.54 -0.13 3.79
CA LEU A 259 13.45 -0.69 2.80
C LEU A 259 13.50 -2.22 2.79
N VAL A 260 13.08 -2.84 3.88
CA VAL A 260 13.17 -4.31 3.97
C VAL A 260 11.82 -4.97 4.22
N ASN A 261 10.87 -4.25 4.80
CA ASN A 261 9.57 -4.82 5.14
C ASN A 261 8.48 -4.65 4.07
N PRO A 262 8.38 -3.47 3.43
CA PRO A 262 7.29 -3.37 2.45
C PRO A 262 7.52 -4.17 1.18
N ILE A 263 8.77 -4.52 0.89
CA ILE A 263 9.10 -5.12 -0.41
C ILE A 263 9.16 -6.64 -0.39
N THR A 264 9.64 -7.23 0.70
CA THR A 264 9.82 -8.68 0.77
C THR A 264 9.33 -9.27 2.08
N ASP A 265 8.76 -10.47 2.00
CA ASP A 265 8.32 -11.20 3.18
C ASP A 265 9.21 -12.41 3.41
N ASP A 266 10.36 -12.41 2.74
CA ASP A 266 11.38 -13.44 2.92
C ASP A 266 12.29 -13.04 4.07
N VAL A 267 12.41 -13.90 5.08
CA VAL A 267 13.18 -13.58 6.28
C VAL A 267 14.67 -13.43 6.01
N ASP A 268 15.25 -14.39 5.29
CA ASP A 268 16.68 -14.35 5.00
C ASP A 268 17.02 -13.29 3.96
N MET A 269 16.00 -12.82 3.24
CA MET A 269 16.14 -11.60 2.46
C MET A 269 16.48 -10.48 3.41
N ARG A 270 15.57 -10.21 4.35
CA ARG A 270 15.67 -9.10 5.29
C ARG A 270 17.03 -8.95 5.96
N ASP A 271 17.59 -10.04 6.46
CA ASP A 271 18.88 -9.99 7.15
C ASP A 271 20.05 -9.96 6.18
N ALA A 272 19.73 -9.77 4.90
CA ALA A 272 20.75 -9.45 3.92
C ALA A 272 20.70 -7.95 3.63
N LEU A 273 19.50 -7.39 3.69
CA LEU A 273 19.32 -5.94 3.54
C LEU A 273 19.56 -5.22 4.86
N ASP A 274 19.41 -5.95 5.97
CA ASP A 274 19.63 -5.36 7.29
C ASP A 274 21.08 -5.52 7.72
N THR A 275 21.90 -6.06 6.84
CA THR A 275 23.35 -6.08 7.03
C THR A 275 23.97 -4.91 6.29
N VAL A 276 23.34 -4.51 5.19
CA VAL A 276 23.84 -3.39 4.40
C VAL A 276 23.35 -2.07 5.00
N VAL A 277 22.32 -2.11 5.83
CA VAL A 277 21.84 -0.91 6.50
C VAL A 277 22.76 -0.60 7.67
N LYS A 278 23.44 -1.64 8.14
CA LYS A 278 24.28 -1.58 9.33
C LYS A 278 25.71 -1.27 8.89
N THR A 279 25.92 -1.29 7.58
CA THR A 279 27.20 -0.93 7.00
C THR A 279 27.37 0.58 6.98
N PHE A 280 26.30 1.28 6.64
CA PHE A 280 26.32 2.74 6.53
C PHE A 280 25.82 3.41 7.80
N PHE A 281 24.66 2.96 8.29
CA PHE A 281 24.11 3.49 9.54
C PHE A 281 24.64 2.70 10.73
N LYS B 26 -11.13 6.08 26.86
CA LYS B 26 -11.67 5.20 25.83
C LYS B 26 -10.59 4.20 25.40
N GLU B 27 -9.46 4.23 26.10
CA GLU B 27 -8.28 3.41 25.75
C GLU B 27 -8.62 1.94 25.59
N PRO B 28 -8.57 1.44 24.33
CA PRO B 28 -8.76 0.00 24.10
C PRO B 28 -7.53 -0.76 24.57
N TYR B 29 -7.72 -1.92 25.19
CA TYR B 29 -6.62 -2.67 25.77
C TYR B 29 -5.63 -3.13 24.71
N TYR B 30 -4.40 -2.63 24.81
CA TYR B 30 -3.32 -3.09 23.94
C TYR B 30 -2.00 -3.15 24.69
N ARG B 31 -1.34 -4.31 24.60
CA ARG B 31 -0.01 -4.47 25.17
C ARG B 31 1.05 -4.52 24.08
N ALA B 32 1.99 -3.58 24.14
CA ALA B 32 3.06 -3.52 23.14
C ALA B 32 4.02 -4.69 23.27
N VAL B 33 4.39 -5.26 22.14
CA VAL B 33 5.38 -6.34 22.10
C VAL B 33 6.74 -5.78 21.75
N GLN B 34 6.74 -4.67 21.01
CA GLN B 34 7.98 -4.00 20.62
C GLN B 34 7.81 -2.48 20.61
N ASP B 35 8.50 -1.84 19.67
CA ASP B 35 8.51 -0.38 19.57
C ASP B 35 7.42 0.11 18.61
N GLU B 36 6.42 -0.74 18.37
CA GLU B 36 5.38 -0.47 17.39
C GLU B 36 4.58 0.80 17.67
N ILE B 37 4.38 1.11 18.95
CA ILE B 37 3.59 2.28 19.34
C ILE B 37 4.31 3.58 19.01
N GLU B 38 5.61 3.62 19.25
CA GLU B 38 6.41 4.81 18.98
C GLU B 38 6.74 4.93 17.50
N LEU B 39 7.01 3.78 16.86
CA LEU B 39 7.31 3.76 15.44
C LEU B 39 6.11 4.24 14.62
N TYR B 40 4.92 3.78 15.00
CA TYR B 40 3.70 4.22 14.32
C TYR B 40 3.42 5.69 14.63
N ARG B 41 3.77 6.11 15.84
CA ARG B 41 3.57 7.49 16.25
C ARG B 41 4.29 8.45 15.31
N ALA B 42 5.60 8.24 15.16
CA ALA B 42 6.40 9.06 14.26
C ALA B 42 6.04 8.78 12.81
N GLY B 43 5.55 7.56 12.56
CA GLY B 43 5.09 7.19 11.23
C GLY B 43 3.88 8.01 10.84
N TYR B 44 3.07 8.37 11.83
CA TYR B 44 1.90 9.21 11.59
C TYR B 44 2.28 10.68 11.52
N GLU B 45 3.28 11.08 12.31
CA GLU B 45 3.75 12.46 12.34
C GLU B 45 4.25 12.91 10.98
N ALA B 46 4.69 11.95 10.18
CA ALA B 46 5.15 12.22 8.82
C ALA B 46 4.02 11.99 7.82
N ARG B 47 2.83 11.66 8.34
CA ARG B 47 1.66 11.36 7.53
C ARG B 47 1.94 10.26 6.49
N ILE B 48 2.73 9.27 6.88
CA ILE B 48 3.11 8.19 5.99
C ILE B 48 2.12 7.03 6.04
N PRO B 49 1.63 6.60 4.86
CA PRO B 49 0.76 5.43 4.75
C PRO B 49 1.40 4.19 5.35
N MET B 50 0.74 3.59 6.34
CA MET B 50 1.31 2.44 7.04
C MET B 50 0.64 1.13 6.67
N MET B 51 1.43 0.06 6.69
CA MET B 51 0.93 -1.29 6.48
C MET B 51 1.27 -2.17 7.67
N LEU B 52 0.25 -2.85 8.22
CA LEU B 52 0.47 -3.78 9.32
C LEU B 52 0.57 -5.20 8.79
N LYS B 53 1.75 -5.79 8.88
CA LYS B 53 1.98 -7.13 8.38
C LYS B 53 2.04 -8.15 9.53
N GLY B 54 1.49 -9.33 9.29
CA GLY B 54 1.52 -10.38 10.30
C GLY B 54 0.33 -11.33 10.23
N PRO B 55 0.42 -12.44 10.97
CA PRO B 55 -0.62 -13.47 11.03
C PRO B 55 -1.97 -12.95 11.51
N THR B 56 -3.02 -13.73 11.30
CA THR B 56 -4.36 -13.34 11.73
C THR B 56 -4.51 -13.45 13.24
N GLY B 57 -5.30 -12.54 13.82
CA GLY B 57 -5.54 -12.53 15.24
C GLY B 57 -4.27 -12.36 16.07
N CYS B 58 -3.47 -11.36 15.73
CA CYS B 58 -2.25 -11.09 16.48
C CYS B 58 -2.24 -9.67 17.03
N GLY B 59 -3.36 -8.97 16.86
CA GLY B 59 -3.53 -7.66 17.47
C GLY B 59 -3.41 -6.48 16.52
N LYS B 60 -3.41 -6.74 15.22
CA LYS B 60 -3.25 -5.68 14.23
C LYS B 60 -4.43 -4.72 14.24
N SER B 61 -5.65 -5.26 14.20
CA SER B 61 -6.85 -4.44 14.14
C SER B 61 -7.10 -3.69 15.45
N ARG B 62 -6.53 -4.19 16.54
CA ARG B 62 -6.69 -3.54 17.84
C ARG B 62 -5.58 -2.53 18.07
N PHE B 63 -4.44 -2.74 17.43
CA PHE B 63 -3.32 -1.81 17.52
C PHE B 63 -3.70 -0.44 16.96
N VAL B 64 -4.42 -0.44 15.85
CA VAL B 64 -4.87 0.79 15.22
C VAL B 64 -5.78 1.60 16.14
N GLU B 65 -6.71 0.90 16.79
CA GLU B 65 -7.62 1.53 17.73
C GLU B 65 -6.88 2.18 18.89
N HIS B 66 -5.84 1.49 19.38
CA HIS B 66 -5.03 2.01 20.48
C HIS B 66 -4.27 3.25 20.06
N MET B 67 -3.79 3.25 18.82
CA MET B 67 -3.05 4.40 18.29
C MET B 67 -3.98 5.54 17.92
N ALA B 68 -5.16 5.20 17.42
CA ALA B 68 -6.18 6.21 17.11
C ALA B 68 -6.64 6.91 18.37
N TRP B 69 -6.53 6.21 19.50
CA TRP B 69 -6.85 6.79 20.80
C TRP B 69 -5.67 7.58 21.36
N LYS B 70 -4.48 7.03 21.18
CA LYS B 70 -3.26 7.62 21.74
C LYS B 70 -2.85 8.87 20.97
N LEU B 71 -3.09 8.87 19.66
CA LEU B 71 -2.78 10.02 18.82
C LEU B 71 -3.92 11.03 18.85
N ASN B 72 -4.99 10.68 19.56
CA ASN B 72 -6.15 11.54 19.76
C ASN B 72 -6.76 12.00 18.43
N ARG B 73 -7.40 11.07 17.73
CA ARG B 73 -8.01 11.39 16.45
C ARG B 73 -9.03 10.33 16.02
N PRO B 74 -10.09 10.77 15.32
CA PRO B 74 -11.14 9.88 14.81
C PRO B 74 -10.58 8.74 13.96
N LEU B 75 -11.35 7.65 13.87
CA LEU B 75 -10.90 6.46 13.14
C LEU B 75 -12.05 5.85 12.36
N ILE B 76 -11.82 5.61 11.06
CA ILE B 76 -12.82 4.97 10.21
C ILE B 76 -12.28 3.64 9.69
N THR B 77 -13.04 2.57 9.94
CA THR B 77 -12.60 1.23 9.56
C THR B 77 -13.36 0.70 8.36
N ILE B 78 -12.63 0.12 7.40
CA ILE B 78 -13.24 -0.47 6.22
C ILE B 78 -12.90 -1.96 6.11
N ALA B 79 -13.94 -2.78 6.02
CA ALA B 79 -13.77 -4.22 5.81
C ALA B 79 -13.83 -4.53 4.33
N CYS B 80 -12.68 -4.81 3.72
CA CYS B 80 -12.58 -4.95 2.27
C CYS B 80 -12.91 -6.36 1.78
N ASN B 81 -13.98 -6.46 0.99
CA ASN B 81 -14.28 -7.69 0.25
C ASN B 81 -14.31 -7.38 -1.25
N GLU B 82 -14.78 -8.34 -2.04
CA GLU B 82 -14.76 -8.19 -3.49
C GLU B 82 -15.92 -7.35 -4.03
N ASP B 83 -17.09 -7.46 -3.41
CA ASP B 83 -18.23 -6.65 -3.82
C ASP B 83 -18.16 -5.27 -3.17
N MET B 84 -16.98 -4.67 -3.26
CA MET B 84 -16.75 -3.32 -2.76
C MET B 84 -16.33 -2.47 -3.95
N THR B 85 -17.29 -1.85 -4.62
CA THR B 85 -16.99 -1.12 -5.85
C THR B 85 -16.16 0.14 -5.58
N ALA B 86 -16.12 1.06 -6.53
CA ALA B 86 -15.36 2.29 -6.32
C ALA B 86 -16.20 3.22 -5.48
N SER B 87 -17.48 3.28 -5.85
CA SER B 87 -18.47 4.15 -5.23
C SER B 87 -18.53 4.05 -3.71
N ASP B 88 -18.60 2.83 -3.19
CA ASP B 88 -18.79 2.65 -1.75
C ASP B 88 -17.54 3.04 -0.96
N LEU B 89 -16.37 2.92 -1.58
CA LEU B 89 -15.14 3.39 -0.96
C LEU B 89 -14.97 4.89 -1.19
N VAL B 90 -15.45 5.37 -2.33
CA VAL B 90 -15.25 6.76 -2.74
C VAL B 90 -16.40 7.66 -2.33
N ASP B 104 -19.49 11.33 0.89
CA ASP B 104 -20.39 10.29 1.37
C ASP B 104 -19.67 8.96 1.60
N GLY B 105 -18.52 8.81 0.96
CA GLY B 105 -17.73 7.60 1.11
C GLY B 105 -16.82 7.68 2.33
N PRO B 106 -16.67 6.54 3.03
CA PRO B 106 -15.85 6.44 4.24
C PRO B 106 -14.41 6.91 4.04
N LEU B 107 -13.77 6.46 2.97
CA LEU B 107 -12.41 6.89 2.65
C LEU B 107 -12.39 8.40 2.38
N THR B 108 -13.46 8.89 1.76
CA THR B 108 -13.60 10.31 1.48
C THR B 108 -13.85 11.09 2.78
N VAL B 109 -14.58 10.47 3.70
CA VAL B 109 -14.91 11.08 4.99
C VAL B 109 -13.66 11.32 5.83
N ALA B 110 -12.80 10.31 5.92
CA ALA B 110 -11.56 10.40 6.68
C ALA B 110 -10.63 11.45 6.09
N ALA B 111 -10.77 11.70 4.79
CA ALA B 111 -9.98 12.70 4.11
C ALA B 111 -10.44 14.11 4.47
N ARG B 112 -11.74 14.28 4.60
CA ARG B 112 -12.31 15.57 5.00
C ARG B 112 -12.01 15.89 6.46
N ILE B 113 -12.44 14.99 7.34
CA ILE B 113 -12.30 15.17 8.78
C ILE B 113 -10.85 15.23 9.24
N GLY B 114 -10.02 14.38 8.64
CA GLY B 114 -8.64 14.24 9.09
C GLY B 114 -8.55 13.11 10.09
N ALA B 115 -8.98 11.94 9.65
CA ALA B 115 -9.04 10.77 10.52
C ALA B 115 -8.24 9.62 9.93
N ILE B 116 -7.67 8.81 10.80
CA ILE B 116 -6.95 7.61 10.37
C ILE B 116 -7.92 6.66 9.69
N CYS B 117 -7.60 6.27 8.47
CA CYS B 117 -8.47 5.39 7.70
C CYS B 117 -7.89 3.98 7.62
N TYR B 118 -8.42 3.09 8.44
CA TYR B 118 -7.93 1.72 8.50
C TYR B 118 -8.71 0.81 7.55
N LEU B 119 -8.05 0.36 6.50
CA LEU B 119 -8.67 -0.54 5.53
C LEU B 119 -8.19 -1.97 5.77
N ASP B 120 -9.05 -2.76 6.39
CA ASP B 120 -8.70 -4.12 6.80
C ASP B 120 -8.81 -5.12 5.65
N GLU B 121 -7.79 -5.96 5.50
CA GLU B 121 -7.74 -6.99 4.47
C GLU B 121 -7.89 -6.42 3.07
N ILE B 122 -6.92 -5.59 2.67
CA ILE B 122 -6.95 -4.93 1.36
C ILE B 122 -6.89 -5.92 0.20
N VAL B 123 -6.05 -6.95 0.34
CA VAL B 123 -5.82 -7.91 -0.74
C VAL B 123 -7.10 -8.58 -1.24
N GLU B 124 -8.12 -8.65 -0.38
CA GLU B 124 -9.38 -9.29 -0.76
C GLU B 124 -10.18 -8.42 -1.73
N ALA B 125 -10.05 -7.11 -1.56
CA ALA B 125 -10.77 -6.17 -2.40
C ALA B 125 -10.29 -6.24 -3.85
N ARG B 126 -11.25 -6.15 -4.77
CA ARG B 126 -10.94 -6.05 -6.19
C ARG B 126 -10.03 -4.83 -6.45
N GLN B 127 -9.30 -4.84 -7.56
CA GLN B 127 -8.14 -3.95 -7.69
C GLN B 127 -8.47 -2.54 -8.17
N ASP B 128 -9.71 -2.28 -8.55
CA ASP B 128 -10.06 -0.92 -8.99
C ASP B 128 -10.34 -0.08 -7.74
N THR B 129 -10.21 -0.71 -6.57
CA THR B 129 -10.28 -0.04 -5.27
C THR B 129 -8.90 0.21 -4.71
N ILE B 130 -8.03 -0.78 -4.86
CA ILE B 130 -6.68 -0.70 -4.36
C ILE B 130 -5.97 0.49 -4.97
N VAL B 131 -6.35 0.81 -6.21
CA VAL B 131 -5.74 1.93 -6.93
C VAL B 131 -6.50 3.25 -6.69
N VAL B 132 -7.60 3.18 -5.97
CA VAL B 132 -8.34 4.39 -5.59
C VAL B 132 -7.52 5.18 -4.58
N ILE B 133 -6.80 4.46 -3.73
CA ILE B 133 -6.02 5.06 -2.65
C ILE B 133 -4.69 5.63 -3.16
N HIS B 134 -4.35 5.33 -4.41
CA HIS B 134 -3.08 5.77 -5.00
C HIS B 134 -2.86 7.29 -4.96
N PRO B 135 -3.85 8.10 -5.39
CA PRO B 135 -3.57 9.54 -5.31
C PRO B 135 -3.59 10.07 -3.88
N LEU B 136 -4.04 9.25 -2.93
CA LEU B 136 -4.02 9.63 -1.51
C LEU B 136 -2.70 9.22 -0.86
N THR B 137 -1.87 8.50 -1.60
CA THR B 137 -0.56 8.08 -1.11
C THR B 137 0.54 8.95 -1.71
N ASP B 138 0.17 9.79 -2.66
CA ASP B 138 1.13 10.70 -3.28
C ASP B 138 1.40 11.91 -2.39
N HIS B 139 2.24 12.82 -2.86
CA HIS B 139 2.57 14.03 -2.11
C HIS B 139 1.37 14.97 -2.16
N ARG B 140 0.48 14.72 -3.12
CA ARG B 140 -0.71 15.52 -3.32
C ARG B 140 -1.68 15.51 -2.14
N ARG B 141 -1.86 14.32 -1.55
CA ARG B 141 -2.85 14.08 -0.49
C ARG B 141 -4.30 14.29 -0.98
N VAL B 142 -4.61 13.78 -2.17
CA VAL B 142 -5.90 14.07 -2.80
C VAL B 142 -6.60 12.90 -3.50
N LEU B 143 -7.87 12.69 -3.15
CA LEU B 143 -8.75 11.71 -3.79
C LEU B 143 -9.71 12.38 -4.79
N PRO B 144 -9.79 11.85 -6.02
CA PRO B 144 -10.72 12.41 -7.00
C PRO B 144 -12.15 11.88 -6.85
N LEU B 145 -13.05 12.71 -6.34
CA LEU B 145 -14.48 12.41 -6.34
C LEU B 145 -15.06 12.64 -7.72
N GLU B 146 -14.63 11.87 -8.71
CA GLU B 146 -15.13 12.01 -10.07
C GLU B 146 -16.61 11.63 -10.13
N LYS B 147 -17.21 11.83 -11.31
CA LYS B 147 -18.65 11.63 -11.52
C LYS B 147 -19.47 12.61 -10.67
N LYS B 148 -19.31 12.53 -9.35
CA LYS B 148 -20.07 13.35 -8.42
C LYS B 148 -19.68 14.83 -8.50
N GLY B 149 -18.41 15.09 -8.80
CA GLY B 149 -17.96 16.47 -8.96
C GLY B 149 -16.50 16.75 -8.64
N GLU B 150 -16.28 17.63 -7.67
CA GLU B 150 -14.96 18.18 -7.37
C GLU B 150 -13.91 17.15 -6.95
N LEU B 151 -12.65 17.58 -6.97
CA LEU B 151 -11.55 16.82 -6.39
C LEU B 151 -11.46 17.17 -4.90
N VAL B 152 -10.97 16.25 -4.09
CA VAL B 152 -11.01 16.43 -2.65
C VAL B 152 -9.62 16.45 -2.03
N GLU B 153 -9.21 17.61 -1.53
CA GLU B 153 -7.92 17.68 -0.86
C GLU B 153 -8.09 17.32 0.61
N ALA B 154 -7.31 16.32 1.04
CA ALA B 154 -7.47 15.73 2.36
C ALA B 154 -6.96 16.63 3.48
N HIS B 155 -7.49 16.42 4.68
CA HIS B 155 -7.11 17.17 5.86
C HIS B 155 -5.73 16.73 6.33
N PRO B 156 -4.91 17.69 6.82
CA PRO B 156 -3.54 17.43 7.29
C PRO B 156 -3.45 16.35 8.38
N ASP B 157 -4.58 16.00 9.00
CA ASP B 157 -4.58 15.00 10.06
C ASP B 157 -5.02 13.63 9.54
N PHE B 158 -5.17 13.51 8.22
CA PHE B 158 -5.60 12.26 7.60
C PHE B 158 -4.44 11.29 7.41
N GLN B 159 -4.72 10.01 7.64
CA GLN B 159 -3.74 8.95 7.40
C GLN B 159 -4.43 7.68 6.93
N ILE B 160 -3.77 6.95 6.04
CA ILE B 160 -4.32 5.71 5.52
C ILE B 160 -3.54 4.50 6.03
N VAL B 161 -4.25 3.54 6.60
CA VAL B 161 -3.62 2.34 7.14
C VAL B 161 -4.25 1.09 6.54
N ILE B 162 -3.42 0.14 6.14
CA ILE B 162 -3.91 -1.12 5.60
C ILE B 162 -3.41 -2.31 6.41
N SER B 163 -4.04 -3.46 6.21
CA SER B 163 -3.63 -4.69 6.87
C SER B 163 -3.22 -5.72 5.81
N TYR B 164 -2.19 -6.50 6.11
CA TYR B 164 -1.66 -7.44 5.12
C TYR B 164 -1.00 -8.66 5.77
N ASN B 165 -1.11 -9.80 5.09
CA ASN B 165 -0.45 -11.02 5.54
C ASN B 165 1.08 -10.87 5.55
N ASP B 174 -3.27 -10.86 -4.81
CA ASP B 174 -2.24 -10.19 -4.02
C ASP B 174 -2.08 -8.74 -4.44
N LEU B 175 -1.23 -8.00 -3.72
CA LEU B 175 -0.95 -6.61 -4.05
C LEU B 175 0.23 -6.51 -5.01
N LYS B 176 0.19 -5.50 -5.89
CA LYS B 176 1.29 -5.24 -6.80
C LYS B 176 2.41 -4.50 -6.09
N GLN B 177 3.63 -4.62 -6.61
CA GLN B 177 4.78 -3.91 -6.05
C GLN B 177 4.59 -2.39 -6.19
N SER B 178 3.75 -1.99 -7.14
CA SER B 178 3.42 -0.59 -7.33
C SER B 178 2.64 -0.05 -6.13
N THR B 179 1.93 -0.94 -5.44
CA THR B 179 1.09 -0.56 -4.31
C THR B 179 1.81 -0.79 -2.98
N LYS B 180 2.53 -1.90 -2.88
CA LYS B 180 3.25 -2.25 -1.66
C LYS B 180 4.33 -1.21 -1.33
N GLN B 181 4.97 -0.66 -2.35
CA GLN B 181 6.06 0.29 -2.14
C GLN B 181 5.56 1.71 -1.95
N ARG B 182 4.25 1.86 -1.79
CA ARG B 182 3.63 3.14 -1.43
C ARG B 182 3.39 3.20 0.07
N PHE B 183 3.82 2.17 0.79
CA PHE B 183 3.55 2.06 2.22
C PHE B 183 4.82 1.87 3.05
N GLY B 184 4.77 2.33 4.29
CA GLY B 184 5.72 1.93 5.30
C GLY B 184 5.16 0.69 5.96
N ALA B 185 6.01 -0.13 6.56
CA ALA B 185 5.54 -1.42 7.07
C ALA B 185 6.04 -1.76 8.47
N LEU B 186 5.12 -2.21 9.31
CA LEU B 186 5.45 -2.75 10.62
C LEU B 186 5.11 -4.24 10.66
N ASP B 187 6.06 -5.06 11.13
CA ASP B 187 5.87 -6.49 11.13
C ASP B 187 5.41 -7.02 12.49
N PHE B 188 4.18 -7.51 12.53
CA PHE B 188 3.60 -8.04 13.76
C PHE B 188 3.74 -9.56 13.84
N ASP B 189 4.06 -10.06 15.03
CA ASP B 189 4.08 -11.49 15.30
C ASP B 189 3.50 -11.73 16.68
N TYR B 190 3.12 -12.97 16.96
CA TYR B 190 2.53 -13.33 18.25
C TYR B 190 3.48 -12.99 19.40
N PRO B 191 2.95 -12.28 20.41
CA PRO B 191 3.73 -11.80 21.56
C PRO B 191 4.41 -12.92 22.34
N LYS B 192 5.53 -12.60 22.97
CA LYS B 192 6.31 -13.57 23.73
C LYS B 192 5.52 -14.00 24.97
N PRO B 193 5.73 -15.25 25.43
CA PRO B 193 4.93 -15.91 26.47
C PRO B 193 4.47 -15.02 27.63
N ASP B 194 5.36 -14.16 28.13
CA ASP B 194 5.02 -13.28 29.24
C ASP B 194 3.89 -12.34 28.88
N ILE B 195 4.08 -11.60 27.79
CA ILE B 195 3.11 -10.60 27.36
C ILE B 195 1.81 -11.24 26.88
N GLU B 196 1.93 -12.33 26.12
CA GLU B 196 0.78 -13.00 25.55
C GLU B 196 -0.18 -13.52 26.62
N ALA B 197 0.39 -14.08 27.68
CA ALA B 197 -0.41 -14.61 28.78
C ALA B 197 -1.15 -13.50 29.52
N GLU B 198 -0.50 -12.35 29.64
CA GLU B 198 -1.13 -11.19 30.28
C GLU B 198 -2.34 -10.72 29.47
N ILE B 199 -2.21 -10.76 28.15
CA ILE B 199 -3.29 -10.37 27.25
C ILE B 199 -4.46 -11.34 27.35
N VAL B 200 -4.14 -12.64 27.27
CA VAL B 200 -5.15 -13.68 27.38
C VAL B 200 -5.87 -13.56 28.72
N SER B 201 -5.12 -13.49 29.80
CA SER B 201 -5.69 -13.32 31.14
C SER B 201 -6.63 -12.13 31.22
N HIS B 202 -6.22 -11.02 30.61
CA HIS B 202 -7.02 -9.81 30.62
C HIS B 202 -8.25 -9.95 29.73
N GLU B 203 -8.03 -10.47 28.52
CA GLU B 203 -9.12 -10.60 27.58
C GLU B 203 -10.04 -11.76 27.94
N ALA B 204 -9.48 -12.87 28.46
CA ALA B 204 -10.28 -14.05 28.79
C ALA B 204 -10.96 -13.93 30.16
N GLY B 205 -10.36 -13.17 31.06
CA GLY B 205 -10.86 -13.06 32.42
C GLY B 205 -10.49 -14.29 33.22
N VAL B 206 -9.28 -14.80 32.96
CA VAL B 206 -8.77 -15.95 33.69
C VAL B 206 -7.52 -15.56 34.48
N ASP B 207 -7.17 -16.39 35.46
CA ASP B 207 -5.98 -16.13 36.26
C ASP B 207 -4.72 -16.34 35.44
N LYS B 208 -3.60 -15.82 35.96
CA LYS B 208 -2.32 -15.87 35.27
C LYS B 208 -1.88 -17.29 34.94
N ASP B 209 -2.13 -18.22 35.87
CA ASP B 209 -1.72 -19.60 35.70
C ASP B 209 -2.38 -20.26 34.49
N THR B 210 -3.69 -20.05 34.34
CA THR B 210 -4.44 -20.64 33.24
C THR B 210 -3.97 -20.07 31.90
N ALA B 211 -3.75 -18.76 31.87
CA ALA B 211 -3.32 -18.08 30.65
C ALA B 211 -1.96 -18.57 30.17
N GLU B 212 -1.06 -18.82 31.11
CA GLU B 212 0.28 -19.31 30.79
C GLU B 212 0.23 -20.68 30.14
N LYS B 213 -0.66 -21.54 30.63
CA LYS B 213 -0.82 -22.88 30.07
C LYS B 213 -1.43 -22.83 28.68
N LEU B 214 -2.37 -21.92 28.47
CA LEU B 214 -2.97 -21.74 27.16
C LEU B 214 -1.93 -21.29 26.15
N VAL B 215 -1.06 -20.37 26.57
CA VAL B 215 0.03 -19.91 25.72
C VAL B 215 1.02 -21.05 25.48
N GLN B 216 1.24 -21.86 26.51
CA GLN B 216 2.11 -23.02 26.41
C GLN B 216 1.61 -23.99 25.34
N ILE B 217 0.30 -24.17 25.28
CA ILE B 217 -0.31 -25.01 24.26
C ILE B 217 -0.12 -24.39 22.88
N ALA B 218 -0.37 -23.08 22.79
CA ALA B 218 -0.18 -22.35 21.55
C ALA B 218 1.29 -22.37 21.13
N GLN B 219 2.18 -22.37 22.11
CA GLN B 219 3.61 -22.40 21.84
C GLN B 219 4.01 -23.71 21.17
N LYS B 220 3.46 -24.81 21.67
CA LYS B 220 3.77 -26.14 21.14
C LYS B 220 3.10 -26.39 19.79
N ALA B 221 2.20 -25.50 19.39
CA ALA B 221 1.46 -25.66 18.15
C ALA B 221 2.03 -24.80 17.02
N ARG B 222 2.56 -23.64 17.38
CA ARG B 222 3.22 -22.76 16.42
C ARG B 222 4.54 -23.38 15.99
N ASN B 223 5.02 -24.30 16.82
CA ASN B 223 6.22 -25.06 16.56
C ASN B 223 6.06 -26.03 15.38
N LEU B 224 4.82 -26.25 14.98
CA LEU B 224 4.51 -27.31 14.01
C LEU B 224 4.15 -26.79 12.63
N LYS B 225 4.40 -25.52 12.36
CA LYS B 225 4.10 -24.96 11.05
C LYS B 225 5.15 -25.40 10.03
N GLY B 226 4.68 -25.93 8.90
CA GLY B 226 5.56 -26.52 7.91
C GLY B 226 5.75 -27.99 8.21
N HIS B 227 5.25 -28.41 9.36
CA HIS B 227 5.34 -29.79 9.80
C HIS B 227 3.95 -30.40 9.96
N GLY B 228 2.93 -29.67 9.52
CA GLY B 228 1.57 -30.16 9.58
C GLY B 228 0.52 -29.07 9.68
N LEU B 229 0.95 -27.85 9.99
CA LEU B 229 0.01 -26.73 10.14
C LEU B 229 0.31 -25.61 9.15
N ASP B 230 -0.72 -25.13 8.48
CA ASP B 230 -0.59 -24.05 7.51
C ASP B 230 -0.28 -22.72 8.21
N GLU B 231 -0.70 -22.61 9.46
CA GLU B 231 -0.48 -21.41 10.26
C GLU B 231 -0.65 -21.74 11.75
N GLY B 232 0.24 -21.19 12.57
CA GLY B 232 0.19 -21.38 14.01
C GLY B 232 -1.09 -20.87 14.65
N LEU B 233 -1.22 -21.13 15.95
CA LEU B 233 -2.44 -20.82 16.69
C LEU B 233 -2.57 -19.32 16.98
N SER B 234 -3.72 -18.75 16.64
CA SER B 234 -3.98 -17.34 16.87
C SER B 234 -4.15 -17.01 18.33
N THR B 235 -3.92 -15.74 18.68
CA THR B 235 -4.15 -15.25 20.03
C THR B 235 -5.66 -15.19 20.28
N ARG B 236 -6.43 -15.00 19.22
CA ARG B 236 -7.88 -14.94 19.32
C ARG B 236 -8.45 -16.27 19.82
N LEU B 237 -7.91 -17.37 19.33
CA LEU B 237 -8.35 -18.69 19.76
C LEU B 237 -7.91 -18.97 21.20
N LEU B 238 -6.75 -18.43 21.57
CA LEU B 238 -6.29 -18.52 22.96
C LEU B 238 -7.25 -17.81 23.88
N VAL B 239 -7.70 -16.63 23.45
CA VAL B 239 -8.73 -15.92 24.20
C VAL B 239 -9.95 -16.83 24.28
N TYR B 240 -10.51 -17.20 23.13
CA TYR B 240 -11.68 -18.09 23.06
C TYR B 240 -11.65 -19.26 24.04
N ALA B 241 -10.47 -19.80 24.29
CA ALA B 241 -10.33 -20.96 25.18
C ALA B 241 -10.53 -20.61 26.65
N GLY B 242 -9.92 -19.52 27.11
CA GLY B 242 -9.94 -19.19 28.52
C GLY B 242 -11.33 -18.87 29.03
N LYS B 243 -12.17 -18.38 28.13
CA LYS B 243 -13.49 -17.86 28.53
C LYS B 243 -14.53 -18.96 28.62
N LEU B 244 -14.33 -20.02 27.85
CA LEU B 244 -15.05 -21.25 28.08
C LEU B 244 -14.65 -21.76 29.46
N ILE B 245 -13.35 -21.70 29.76
CA ILE B 245 -12.83 -22.09 31.06
C ILE B 245 -13.32 -21.14 32.15
N ALA B 246 -13.44 -19.87 31.81
CA ALA B 246 -13.92 -18.86 32.76
C ALA B 246 -15.42 -19.01 33.02
N LYS B 247 -16.06 -19.91 32.28
CA LYS B 247 -17.49 -20.15 32.44
C LYS B 247 -17.77 -21.54 33.01
N GLY B 248 -16.72 -22.29 33.29
CA GLY B 248 -16.86 -23.58 33.94
C GLY B 248 -16.73 -24.78 33.03
N VAL B 249 -16.50 -24.53 31.74
CA VAL B 249 -16.30 -25.61 30.79
C VAL B 249 -15.01 -26.36 31.10
N ASP B 250 -15.06 -27.69 30.99
CA ASP B 250 -13.87 -28.53 31.15
C ASP B 250 -12.76 -28.04 30.23
N ALA B 251 -11.60 -27.76 30.82
CA ALA B 251 -10.48 -27.15 30.12
C ALA B 251 -10.01 -27.99 28.93
N ARG B 252 -10.08 -29.30 29.05
CA ARG B 252 -9.68 -30.19 27.96
C ARG B 252 -10.63 -30.06 26.78
N ALA B 253 -11.92 -29.87 27.06
CA ALA B 253 -12.91 -29.68 26.02
C ALA B 253 -12.81 -28.27 25.44
N ALA B 254 -12.59 -27.29 26.30
CA ALA B 254 -12.48 -25.90 25.89
C ALA B 254 -11.32 -25.69 24.92
N CYS B 255 -10.19 -26.32 25.22
CA CYS B 255 -9.02 -26.23 24.35
C CYS B 255 -9.23 -27.03 23.07
N THR B 256 -10.05 -28.07 23.15
CA THR B 256 -10.28 -28.95 22.00
C THR B 256 -11.07 -28.25 20.90
N MET B 257 -12.09 -27.49 21.30
CA MET B 257 -12.97 -26.85 20.34
C MET B 257 -12.49 -25.46 19.91
N THR B 258 -11.41 -24.98 20.52
CA THR B 258 -10.88 -23.66 20.16
C THR B 258 -9.45 -23.71 19.65
N LEU B 259 -8.64 -24.63 20.19
CA LEU B 259 -7.22 -24.66 19.87
C LEU B 259 -6.87 -25.82 18.94
N VAL B 260 -7.60 -26.93 19.07
CA VAL B 260 -7.29 -28.13 18.29
C VAL B 260 -8.16 -28.23 17.03
N ASN B 261 -9.47 -28.31 17.23
CA ASN B 261 -10.40 -28.52 16.13
C ASN B 261 -10.45 -27.44 15.03
N PRO B 262 -10.43 -26.14 15.40
CA PRO B 262 -10.59 -25.15 14.34
C PRO B 262 -9.45 -25.07 13.32
N ILE B 263 -8.27 -25.61 13.67
CA ILE B 263 -7.09 -25.40 12.84
C ILE B 263 -6.56 -26.69 12.19
N THR B 264 -7.16 -27.83 12.50
CA THR B 264 -6.63 -29.09 12.00
C THR B 264 -7.74 -30.08 11.62
N ASP B 265 -7.56 -30.75 10.49
CA ASP B 265 -8.47 -31.80 10.07
C ASP B 265 -7.77 -33.16 10.11
N ASP B 266 -6.45 -33.14 9.97
CA ASP B 266 -5.65 -34.36 10.06
C ASP B 266 -5.75 -34.94 11.46
N VAL B 267 -6.04 -36.23 11.55
CA VAL B 267 -6.38 -36.85 12.83
C VAL B 267 -5.16 -37.14 13.72
N ASP B 268 -4.06 -37.60 13.12
CA ASP B 268 -2.93 -38.06 13.90
C ASP B 268 -2.10 -36.93 14.48
N MET B 269 -2.21 -35.73 13.91
CA MET B 269 -1.53 -34.58 14.48
C MET B 269 -2.51 -33.75 15.31
N ARG B 270 -3.79 -34.05 15.16
CA ARG B 270 -4.82 -33.44 16.01
C ARG B 270 -4.75 -34.06 17.40
N ASP B 271 -4.38 -35.34 17.45
CA ASP B 271 -4.17 -36.01 18.72
C ASP B 271 -2.83 -35.60 19.32
N ALA B 272 -1.94 -35.09 18.47
CA ALA B 272 -0.67 -34.56 18.94
C ALA B 272 -0.91 -33.29 19.74
N LEU B 273 -1.85 -32.48 19.28
CA LEU B 273 -2.25 -31.28 20.01
C LEU B 273 -3.06 -31.67 21.24
N ASP B 274 -3.82 -32.76 21.12
CA ASP B 274 -4.60 -33.27 22.24
C ASP B 274 -3.68 -33.83 23.33
N THR B 275 -2.52 -34.32 22.91
CA THR B 275 -1.50 -34.78 23.85
C THR B 275 -0.99 -33.61 24.69
N VAL B 276 -0.75 -32.49 24.02
CA VAL B 276 -0.29 -31.27 24.69
C VAL B 276 -1.31 -30.78 25.71
N VAL B 277 -2.58 -30.76 25.30
CA VAL B 277 -3.67 -30.30 26.16
C VAL B 277 -3.76 -31.14 27.44
N LYS B 278 -3.61 -32.45 27.31
CA LYS B 278 -3.74 -33.36 28.43
C LYS B 278 -2.54 -33.33 29.38
N THR B 279 -1.51 -32.57 29.03
CA THR B 279 -0.33 -32.44 29.88
C THR B 279 -0.41 -31.17 30.72
N PHE B 280 -1.03 -30.14 30.17
CA PHE B 280 -1.16 -28.86 30.88
C PHE B 280 -2.53 -28.74 31.55
N PHE B 281 -3.47 -29.59 31.13
CA PHE B 281 -4.80 -29.60 31.73
C PHE B 281 -5.30 -31.02 31.94
#